data_2BW5
#
_entry.id   2BW5
#
_cell.length_a   95.334
_cell.length_b   95.334
_cell.length_c   95.334
_cell.angle_alpha   90.00
_cell.angle_beta   90.00
_cell.angle_gamma   90.00
#
_symmetry.space_group_name_H-M   'P 21 3'
#
loop_
_entity.id
_entity.type
_entity.pdbx_description
1 polymer 'COPPER-CONTAINING NITRITE REDUCTASE'
2 non-polymer 'COPPER (II) ION'
3 non-polymer HYDROXYAMINE
4 non-polymer 'MALONATE ION'
5 non-polymer 'ACETATE ION'
6 non-polymer 'PHOSPHATE ION'
7 water water
#
_entity_poly.entity_id   1
_entity_poly.type   'polypeptide(L)'
_entity_poly.pdbx_seq_one_letter_code
;AAGAAPVDISTLPRVKVDLVKPPFVHAHDQVAKTGPRVVEFTMTIEEKKLVIDREGTEIHAMTFNGSVPGPLMVVHENDY
VELRLINPDTNTLLHNIDFHAATGALGGGALTQVNPGEETTLRFKATKPGVFVYHCAPEGMVPWHVTSGMNGAIMVLPRD
GLKDEKGQPLTYDKIYYVGEQDFYVPKDEAGNYKKYETPGEAYEDAVKAMRTLTPTHIVFNGAVGALTGDHALTAAVGER
VLVVHSQANRDTRPHLIGGHGDYVWATGKFRNPPDLDQETWLIPGGTAGAAFYTFRQPGVYAYVNHNLIEAFELGAAGHF
KVTGEWNDDLMTSVVKPASM
;
_entity_poly.pdbx_strand_id   A
#
loop_
_chem_comp.id
_chem_comp.type
_chem_comp.name
_chem_comp.formula
ACT non-polymer 'ACETATE ION' 'C2 H3 O2 -1'
CU non-polymer 'COPPER (II) ION' 'Cu 2'
HOA non-polymer HYDROXYAMINE 'H3 N O'
MLI non-polymer 'MALONATE ION' 'C3 H2 O4 -2'
PO4 non-polymer 'PHOSPHATE ION' 'O4 P -3'
#
# COMPACT_ATOMS: atom_id res chain seq x y z
N VAL A 7 14.37 -4.18 28.33
CA VAL A 7 14.30 -5.67 28.63
C VAL A 7 15.07 -6.39 27.56
N ASP A 8 15.77 -7.46 27.93
CA ASP A 8 16.61 -8.20 27.02
C ASP A 8 15.79 -8.82 25.87
N ILE A 9 16.08 -8.46 24.63
CA ILE A 9 15.25 -8.91 23.50
C ILE A 9 15.21 -10.46 23.36
N SER A 10 16.27 -11.19 23.77
CA SER A 10 16.24 -12.63 23.63
C SER A 10 15.25 -13.30 24.59
N THR A 11 14.69 -12.56 25.55
CA THR A 11 13.68 -13.04 26.47
C THR A 11 12.28 -12.91 25.98
N LEU A 12 12.12 -12.22 24.84
CA LEU A 12 10.78 -11.91 24.31
C LEU A 12 10.27 -13.08 23.49
N PRO A 13 8.95 -13.26 23.39
CA PRO A 13 8.41 -14.18 22.43
C PRO A 13 8.82 -13.81 21.00
N ARG A 14 8.97 -14.84 20.16
CA ARG A 14 9.13 -14.68 18.71
C ARG A 14 7.85 -15.22 18.06
N VAL A 15 7.34 -14.55 17.06
CA VAL A 15 6.24 -15.05 16.21
C VAL A 15 6.62 -14.80 14.79
N LYS A 16 6.40 -15.83 13.99
CA LYS A 16 6.67 -15.77 12.57
CA LYS A 16 6.69 -15.75 12.57
C LYS A 16 5.39 -15.42 11.83
N VAL A 17 5.40 -14.38 11.03
CA VAL A 17 4.27 -14.00 10.17
C VAL A 17 4.47 -14.64 8.82
N ASP A 18 3.37 -15.12 8.23
CA ASP A 18 3.30 -15.53 6.87
C ASP A 18 2.42 -14.49 6.11
N LEU A 19 3.09 -13.77 5.21
CA LEU A 19 2.51 -12.63 4.46
C LEU A 19 1.54 -13.12 3.43
N VAL A 20 0.67 -12.23 2.97
CA VAL A 20 -0.29 -12.51 1.91
C VAL A 20 -0.13 -11.42 0.85
N LYS A 21 -0.63 -11.71 -0.34
CA LYS A 21 -0.52 -10.77 -1.44
CA LYS A 21 -0.54 -10.75 -1.43
C LYS A 21 -1.58 -9.65 -1.26
N PRO A 22 -1.20 -8.41 -1.50
CA PRO A 22 -2.18 -7.30 -1.51
CA PRO A 22 -2.16 -7.30 -1.50
C PRO A 22 -3.25 -7.57 -2.56
N PRO A 23 -4.46 -7.09 -2.32
CA PRO A 23 -4.84 -6.12 -1.27
C PRO A 23 -5.22 -6.76 0.04
N PHE A 24 -5.08 -8.06 0.16
CA PHE A 24 -5.36 -8.77 1.40
C PHE A 24 -4.22 -8.50 2.41
N VAL A 25 -4.51 -8.80 3.67
CA VAL A 25 -3.60 -8.49 4.78
C VAL A 25 -3.50 -9.71 5.66
N HIS A 26 -2.29 -10.07 6.07
N HIS A 26 -2.29 -10.05 6.11
CA HIS A 26 -2.06 -11.20 6.92
CA HIS A 26 -2.17 -11.17 6.99
C HIS A 26 -2.82 -11.06 8.27
C HIS A 26 -3.03 -10.98 8.27
N ALA A 27 -2.91 -12.20 8.97
N ALA A 27 -3.80 -12.02 8.59
CA ALA A 27 -3.65 -12.29 10.22
CA ALA A 27 -4.50 -12.06 9.85
C ALA A 27 -3.06 -11.53 11.33
C ALA A 27 -3.51 -11.68 11.06
N HIS A 28 -3.98 -10.87 12.04
CA HIS A 28 -3.41 -10.22 13.17
C HIS A 28 -4.51 -9.90 14.18
N ASP A 29 -4.19 -9.46 15.38
N ASP A 29 -4.13 -9.35 15.29
CA ASP A 29 -5.19 -9.02 16.34
CA ASP A 29 -5.02 -8.97 16.34
C ASP A 29 -5.09 -7.51 16.54
C ASP A 29 -5.03 -7.45 16.34
N GLN A 30 -6.20 -6.84 16.44
CA GLN A 30 -6.26 -5.37 16.60
C GLN A 30 -5.70 -4.93 17.96
N VAL A 31 -6.28 -5.45 19.02
CA VAL A 31 -5.80 -5.31 20.37
C VAL A 31 -4.76 -6.40 20.68
N ALA A 32 -3.61 -5.96 21.15
CA ALA A 32 -2.50 -6.88 21.42
C ALA A 32 -2.86 -7.90 22.48
N LYS A 33 -2.81 -9.19 22.15
CA LYS A 33 -3.10 -10.30 23.03
C LYS A 33 -1.94 -10.87 23.77
N THR A 34 -0.75 -10.34 23.50
CA THR A 34 0.46 -10.68 24.20
C THR A 34 1.17 -9.36 24.57
N GLY A 35 2.26 -9.49 25.32
CA GLY A 35 3.18 -8.40 25.52
C GLY A 35 4.00 -8.18 24.24
N PRO A 36 4.91 -7.22 24.26
N PRO A 36 5.00 -7.32 24.31
CA PRO A 36 5.78 -7.00 23.12
CA PRO A 36 5.81 -7.04 23.15
C PRO A 36 6.49 -8.27 22.66
C PRO A 36 6.41 -8.35 22.64
N ARG A 37 6.59 -8.41 21.34
CA ARG A 37 7.19 -9.58 20.66
C ARG A 37 8.21 -9.15 19.61
N VAL A 38 9.07 -10.07 19.27
CA VAL A 38 9.85 -9.97 18.02
C VAL A 38 9.02 -10.68 16.96
N VAL A 39 8.56 -9.90 16.00
CA VAL A 39 7.72 -10.35 14.93
C VAL A 39 8.59 -10.56 13.71
N GLU A 40 8.70 -11.81 13.29
CA GLU A 40 9.64 -12.20 12.21
C GLU A 40 8.94 -12.24 10.86
N PHE A 41 9.51 -11.59 9.90
CA PHE A 41 9.04 -11.54 8.54
C PHE A 41 10.18 -11.95 7.62
N THR A 42 9.80 -12.53 6.49
CA THR A 42 10.75 -12.82 5.40
C THR A 42 10.15 -12.26 4.13
N MET A 43 10.95 -11.57 3.31
CA MET A 43 10.57 -11.18 2.00
C MET A 43 11.71 -11.49 1.04
N THR A 44 11.32 -11.95 -0.13
CA THR A 44 12.24 -12.30 -1.21
C THR A 44 12.01 -11.29 -2.33
N ILE A 45 13.07 -10.58 -2.73
CA ILE A 45 13.01 -9.62 -3.81
C ILE A 45 12.84 -10.36 -5.10
N GLU A 46 11.98 -9.87 -5.97
CA GLU A 46 11.79 -10.41 -7.31
C GLU A 46 11.75 -9.33 -8.34
N GLU A 47 12.74 -9.32 -9.22
CA GLU A 47 12.68 -8.55 -10.46
C GLU A 47 11.88 -9.37 -11.46
N LYS A 48 10.84 -8.82 -12.04
CA LYS A 48 9.97 -9.58 -12.91
C LYS A 48 9.30 -8.64 -13.92
N LYS A 49 8.99 -9.18 -15.08
CA LYS A 49 8.12 -8.47 -16.04
C LYS A 49 6.69 -8.46 -15.57
N LEU A 50 6.08 -7.30 -15.73
CA LEU A 50 4.68 -7.13 -15.43
C LEU A 50 3.99 -6.39 -16.56
N VAL A 51 2.79 -6.83 -16.90
CA VAL A 51 1.92 -6.13 -17.86
C VAL A 51 1.06 -5.21 -17.01
N ILE A 52 1.06 -3.93 -17.31
CA ILE A 52 0.45 -2.93 -16.41
C ILE A 52 -0.81 -2.28 -16.95
N ASP A 53 -1.20 -2.53 -18.20
CA ASP A 53 -2.36 -1.88 -18.79
C ASP A 53 -3.04 -2.76 -19.77
N ARG A 54 -4.19 -2.31 -20.27
CA ARG A 54 -4.97 -3.10 -21.16
C ARG A 54 -4.35 -3.24 -22.55
N GLU A 55 -3.43 -2.34 -22.91
CA GLU A 55 -2.73 -2.35 -24.16
C GLU A 55 -1.66 -3.42 -24.18
N GLY A 56 -1.28 -3.99 -23.04
CA GLY A 56 -0.21 -4.93 -22.98
C GLY A 56 1.15 -4.41 -22.68
N THR A 57 1.24 -3.14 -22.28
CA THR A 57 2.52 -2.56 -21.94
C THR A 57 3.16 -3.35 -20.81
N GLU A 58 4.40 -3.79 -21.05
CA GLU A 58 5.12 -4.68 -20.12
C GLU A 58 6.30 -3.90 -19.69
N ILE A 59 6.53 -3.90 -18.38
CA ILE A 59 7.68 -3.23 -17.74
C ILE A 59 8.52 -4.25 -16.96
N HIS A 60 9.72 -3.84 -16.58
CA HIS A 60 10.57 -4.63 -15.68
C HIS A 60 10.40 -4.10 -14.27
N ALA A 61 9.53 -4.74 -13.52
CA ALA A 61 9.20 -4.30 -12.14
C ALA A 61 10.21 -4.81 -11.17
N MET A 62 10.34 -4.11 -10.06
CA MET A 62 11.21 -4.52 -8.97
C MET A 62 10.34 -4.64 -7.73
N THR A 63 10.22 -5.83 -7.19
CA THR A 63 9.24 -6.14 -6.18
C THR A 63 9.81 -6.73 -4.91
N PHE A 64 9.09 -6.45 -3.84
CA PHE A 64 9.20 -7.21 -2.63
C PHE A 64 8.12 -8.29 -2.64
N ASN A 65 8.57 -9.56 -2.62
CA ASN A 65 7.70 -10.72 -2.51
C ASN A 65 6.83 -10.95 -3.75
N GLY A 66 7.18 -10.39 -4.90
CA GLY A 66 6.52 -10.69 -6.14
C GLY A 66 5.36 -9.81 -6.51
N SER A 67 5.00 -8.81 -5.70
CA SER A 67 3.85 -7.99 -5.93
C SER A 67 4.21 -6.53 -5.99
N VAL A 68 3.33 -5.74 -6.65
CA VAL A 68 3.30 -4.30 -6.56
C VAL A 68 1.91 -3.97 -6.03
N PRO A 69 1.78 -3.33 -4.86
CA PRO A 69 2.83 -3.05 -3.87
C PRO A 69 3.35 -4.33 -3.24
N GLY A 70 4.43 -4.21 -2.49
CA GLY A 70 4.86 -5.23 -1.53
C GLY A 70 3.75 -5.46 -0.49
N PRO A 71 3.80 -6.59 0.20
CA PRO A 71 2.75 -6.90 1.18
C PRO A 71 2.72 -5.98 2.37
N LEU A 72 1.53 -5.86 2.96
CA LEU A 72 1.37 -5.13 4.19
C LEU A 72 1.86 -5.99 5.37
N MET A 73 2.78 -5.44 6.13
CA MET A 73 3.24 -6.06 7.39
C MET A 73 2.47 -5.44 8.53
N VAL A 74 2.09 -6.20 9.53
CA VAL A 74 1.33 -5.68 10.67
C VAL A 74 1.99 -6.12 11.99
N VAL A 75 2.26 -5.14 12.84
CA VAL A 75 2.77 -5.33 14.17
C VAL A 75 2.04 -4.41 15.15
N HIS A 76 2.39 -4.45 16.43
CA HIS A 76 1.94 -3.46 17.41
C HIS A 76 3.07 -2.59 17.86
N GLU A 77 2.69 -1.43 18.38
CA GLU A 77 3.64 -0.47 18.92
C GLU A 77 4.50 -1.16 19.99
N ASN A 78 5.81 -0.95 19.85
CA ASN A 78 6.85 -1.48 20.76
CA ASN A 78 6.88 -1.43 20.71
C ASN A 78 7.14 -2.94 20.58
N ASP A 79 6.52 -3.59 19.62
CA ASP A 79 7.13 -4.79 19.05
C ASP A 79 8.43 -4.48 18.33
N TYR A 80 9.20 -5.50 18.10
CA TYR A 80 10.38 -5.45 17.25
C TYR A 80 10.04 -6.12 15.93
N VAL A 81 10.35 -5.51 14.82
CA VAL A 81 10.24 -6.08 13.52
C VAL A 81 11.56 -6.66 13.14
N GLU A 82 11.59 -7.94 12.85
CA GLU A 82 12.82 -8.58 12.39
C GLU A 82 12.57 -9.11 10.98
N LEU A 83 13.19 -8.50 9.98
CA LEU A 83 12.99 -8.87 8.62
C LEU A 83 14.21 -9.54 8.02
N ARG A 84 14.02 -10.74 7.50
CA ARG A 84 15.00 -11.39 6.64
C ARG A 84 14.66 -11.01 5.20
N LEU A 85 15.58 -10.32 4.58
CA LEU A 85 15.43 -9.81 3.19
C LEU A 85 16.40 -10.61 2.34
N ILE A 86 15.84 -11.27 1.32
CA ILE A 86 16.61 -12.19 0.46
C ILE A 86 16.63 -11.60 -0.96
N ASN A 87 17.82 -11.50 -1.58
CA ASN A 87 17.99 -11.10 -2.95
C ASN A 87 18.53 -12.27 -3.72
N PRO A 88 17.68 -13.08 -4.36
CA PRO A 88 18.17 -14.33 -5.02
CA PRO A 88 18.14 -14.31 -5.03
C PRO A 88 19.10 -13.98 -6.17
N ASP A 89 19.98 -14.94 -6.52
CA ASP A 89 20.94 -14.76 -7.59
C ASP A 89 20.32 -14.68 -8.97
N THR A 90 19.02 -14.96 -9.10
CA THR A 90 18.34 -14.77 -10.34
C THR A 90 18.05 -13.31 -10.61
N ASN A 91 18.14 -12.41 -9.62
CA ASN A 91 18.04 -10.99 -9.83
C ASN A 91 19.35 -10.42 -10.36
N THR A 92 19.27 -9.21 -10.88
CA THR A 92 20.48 -8.58 -11.36
CA THR A 92 20.40 -8.46 -11.52
C THR A 92 20.95 -7.36 -10.62
N LEU A 93 20.09 -6.75 -9.81
CA LEU A 93 20.45 -5.48 -9.20
C LEU A 93 20.67 -5.63 -7.68
N LEU A 94 21.39 -4.63 -7.16
CA LEU A 94 21.49 -4.30 -5.74
C LEU A 94 20.19 -3.71 -5.22
N HIS A 95 19.75 -4.14 -4.05
CA HIS A 95 18.53 -3.64 -3.41
C HIS A 95 18.75 -3.51 -1.91
N ASN A 96 17.84 -2.81 -1.24
CA ASN A 96 17.83 -2.69 0.23
C ASN A 96 16.43 -2.37 0.68
N ILE A 97 16.27 -1.95 1.94
CA ILE A 97 14.93 -1.54 2.43
C ILE A 97 15.04 -0.45 3.47
N ASP A 98 14.20 0.54 3.31
CA ASP A 98 14.00 1.69 4.27
CA ASP A 98 14.03 1.68 4.20
C ASP A 98 12.58 1.61 4.76
N PHE A 99 12.42 1.42 6.04
CA PHE A 99 11.15 1.53 6.75
C PHE A 99 10.93 2.91 7.32
N HIS A 100 9.85 3.58 6.87
CA HIS A 100 9.52 4.86 7.49
C HIS A 100 9.09 4.70 8.94
N ALA A 101 8.74 3.49 9.37
CA ALA A 101 8.38 3.18 10.77
C ALA A 101 9.60 3.17 11.70
N ALA A 102 10.81 3.04 11.15
CA ALA A 102 12.02 2.76 11.90
C ALA A 102 12.80 4.03 12.15
N THR A 103 13.70 3.95 13.13
CA THR A 103 14.59 5.06 13.53
C THR A 103 16.05 4.64 13.37
N GLY A 104 16.75 5.39 12.54
CA GLY A 104 18.20 5.22 12.33
C GLY A 104 18.53 4.65 10.97
N ALA A 105 19.79 4.87 10.58
CA ALA A 105 20.40 4.23 9.40
C ALA A 105 19.51 4.29 8.14
N LEU A 106 18.99 5.48 7.90
CA LEU A 106 18.16 5.70 6.69
C LEU A 106 16.98 4.70 6.69
N GLY A 107 16.38 4.48 7.84
CA GLY A 107 15.23 3.58 7.99
C GLY A 107 15.58 2.12 7.85
N GLY A 108 16.89 1.81 7.90
CA GLY A 108 17.37 0.48 7.62
C GLY A 108 18.12 0.36 6.31
N GLY A 109 18.00 1.32 5.40
CA GLY A 109 18.61 1.19 4.12
C GLY A 109 20.10 1.08 4.16
N ALA A 110 20.75 1.77 5.09
CA ALA A 110 22.19 1.74 5.21
C ALA A 110 22.72 0.40 5.69
N LEU A 111 21.84 -0.45 6.26
CA LEU A 111 22.20 -1.72 6.83
C LEU A 111 21.80 -2.95 6.06
N THR A 112 21.04 -2.77 4.98
CA THR A 112 20.37 -3.87 4.26
C THR A 112 20.73 -4.02 2.82
N GLN A 113 21.86 -3.47 2.40
CA GLN A 113 22.28 -3.51 0.99
C GLN A 113 22.63 -4.95 0.65
N VAL A 114 21.88 -5.53 -0.26
CA VAL A 114 22.09 -6.91 -0.67
C VAL A 114 22.25 -7.00 -2.18
N ASN A 115 23.41 -7.52 -2.61
CA ASN A 115 23.67 -7.89 -4.01
C ASN A 115 22.93 -9.17 -4.36
N PRO A 116 22.69 -9.47 -5.65
CA PRO A 116 22.15 -10.83 -5.96
C PRO A 116 22.97 -11.94 -5.35
N GLY A 117 22.29 -12.88 -4.74
CA GLY A 117 22.91 -13.96 -4.05
C GLY A 117 23.13 -13.75 -2.57
N GLU A 118 22.72 -12.60 -2.02
CA GLU A 118 22.92 -12.26 -0.60
C GLU A 118 21.56 -12.14 0.08
N GLU A 119 21.60 -12.25 1.40
CA GLU A 119 20.47 -11.96 2.28
C GLU A 119 21.00 -11.20 3.51
N THR A 120 20.08 -10.67 4.28
CA THR A 120 20.38 -9.91 5.49
C THR A 120 19.19 -9.98 6.41
N THR A 121 19.43 -9.77 7.70
CA THR A 121 18.35 -9.64 8.68
C THR A 121 18.51 -8.38 9.44
N LEU A 122 17.48 -7.54 9.44
CA LEU A 122 17.38 -6.24 10.12
C LEU A 122 16.39 -6.37 11.26
N ARG A 123 16.66 -5.74 12.41
CA ARG A 123 15.67 -5.60 13.45
C ARG A 123 15.51 -4.15 13.82
N PHE A 124 14.27 -3.71 14.00
CA PHE A 124 14.02 -2.38 14.57
C PHE A 124 12.83 -2.41 15.49
N LYS A 125 12.80 -1.48 16.42
CA LYS A 125 11.67 -1.29 17.36
CA LYS A 125 11.67 -1.32 17.34
C LYS A 125 10.64 -0.37 16.73
N ALA A 126 9.40 -0.82 16.68
CA ALA A 126 8.31 -0.04 16.07
C ALA A 126 7.73 0.89 17.11
N THR A 127 8.44 2.00 17.34
CA THR A 127 8.14 2.88 18.48
C THR A 127 6.96 3.83 18.23
N LYS A 128 6.47 3.99 17.02
CA LYS A 128 5.39 4.90 16.73
C LYS A 128 4.23 4.22 15.99
N PRO A 129 3.00 4.42 16.46
CA PRO A 129 1.86 3.73 15.86
C PRO A 129 1.38 4.50 14.60
N GLY A 130 0.97 3.76 13.61
CA GLY A 130 0.53 4.29 12.34
C GLY A 130 0.74 3.32 11.21
N VAL A 131 0.28 3.74 10.04
CA VAL A 131 0.68 3.05 8.77
C VAL A 131 1.83 3.85 8.20
N PHE A 132 2.81 3.16 7.64
CA PHE A 132 4.06 3.75 7.16
C PHE A 132 4.46 3.11 5.85
N VAL A 133 5.05 3.88 4.97
CA VAL A 133 5.69 3.33 3.77
C VAL A 133 6.96 2.60 4.13
N TYR A 134 7.25 1.50 3.38
CA TYR A 134 8.58 0.98 3.25
C TYR A 134 8.96 0.95 1.80
N HIS A 135 10.22 1.08 1.44
CA HIS A 135 10.66 1.05 0.07
C HIS A 135 12.13 0.78 -0.04
N CYS A 136 12.52 0.27 -1.19
CA CYS A 136 13.92 0.15 -1.56
C CYS A 136 14.47 1.54 -1.80
N ALA A 137 15.76 1.73 -1.53
CA ALA A 137 16.43 3.04 -1.69
C ALA A 137 17.93 2.90 -1.83
N PRO A 138 18.40 2.34 -2.96
CA PRO A 138 19.87 2.16 -3.14
C PRO A 138 20.45 3.52 -3.50
N GLU A 139 21.50 3.96 -2.80
CA GLU A 139 22.13 5.25 -3.05
C GLU A 139 22.38 5.46 -4.54
N GLY A 140 21.96 6.60 -5.05
CA GLY A 140 22.14 6.96 -6.43
C GLY A 140 21.12 6.42 -7.39
N MET A 141 20.21 5.55 -6.97
CA MET A 141 19.22 4.88 -7.80
CA MET A 141 19.20 4.95 -7.82
CA MET A 141 19.16 5.13 -7.90
C MET A 141 17.84 4.89 -7.16
N VAL A 142 17.58 5.77 -6.19
CA VAL A 142 16.41 5.65 -5.35
C VAL A 142 15.10 5.77 -6.10
N PRO A 143 14.81 6.85 -6.85
CA PRO A 143 13.50 6.95 -7.45
C PRO A 143 13.29 5.86 -8.52
N TRP A 144 14.35 5.39 -9.18
CA TRP A 144 14.17 4.32 -10.14
C TRP A 144 13.61 3.07 -9.49
N HIS A 145 14.18 2.66 -8.35
CA HIS A 145 13.65 1.47 -7.67
C HIS A 145 12.23 1.66 -7.15
N VAL A 146 11.98 2.80 -6.53
CA VAL A 146 10.63 3.04 -5.95
C VAL A 146 9.61 3.07 -7.07
N THR A 147 9.86 3.79 -8.14
CA THR A 147 8.89 3.92 -9.25
C THR A 147 8.90 2.74 -10.20
N SER A 148 9.71 1.73 -9.93
CA SER A 148 9.61 0.41 -10.57
C SER A 148 8.73 -0.54 -9.75
N GLY A 149 8.14 -0.05 -8.68
CA GLY A 149 7.20 -0.83 -7.83
C GLY A 149 7.77 -1.29 -6.53
N MET A 150 8.96 -0.88 -6.13
CA MET A 150 9.65 -1.52 -5.00
C MET A 150 9.32 -0.79 -3.71
N ASN A 151 8.05 -0.89 -3.30
CA ASN A 151 7.54 -0.18 -2.10
C ASN A 151 6.28 -0.92 -1.64
N GLY A 152 6.05 -0.79 -0.35
CA GLY A 152 4.86 -1.38 0.30
C GLY A 152 4.55 -0.55 1.57
N ALA A 153 3.99 -1.19 2.57
CA ALA A 153 3.67 -0.45 3.81
C ALA A 153 3.69 -1.42 4.98
N ILE A 154 3.82 -0.84 6.16
CA ILE A 154 3.73 -1.56 7.45
C ILE A 154 2.74 -0.81 8.33
N MET A 155 1.89 -1.55 9.01
CA MET A 155 0.98 -0.99 9.99
C MET A 155 1.45 -1.36 11.40
N VAL A 156 1.65 -0.33 12.21
CA VAL A 156 2.01 -0.46 13.63
C VAL A 156 0.77 -0.05 14.43
N LEU A 157 0.02 -1.02 14.90
CA LEU A 157 -1.23 -0.74 15.62
C LEU A 157 -0.86 -0.30 17.02
N PRO A 158 -1.66 0.62 17.61
CA PRO A 158 -1.59 0.83 19.06
C PRO A 158 -1.85 -0.47 19.73
N ARG A 159 -1.24 -0.70 20.90
CA ARG A 159 -1.48 -1.96 21.60
C ARG A 159 -2.93 -2.13 21.99
N ASP A 160 -3.68 -1.05 22.23
CA ASP A 160 -5.09 -1.17 22.55
C ASP A 160 -5.96 -0.91 21.34
N GLY A 161 -5.48 -1.11 20.13
CA GLY A 161 -6.27 -0.93 18.92
C GLY A 161 -6.57 0.53 18.61
N LEU A 162 -7.34 0.68 17.55
CA LEU A 162 -7.69 2.02 17.07
C LEU A 162 -8.73 2.72 17.95
N LYS A 163 -8.69 4.04 17.98
CA LYS A 163 -9.60 4.88 18.75
C LYS A 163 -10.09 6.01 17.87
N ASP A 164 -11.31 6.47 18.16
CA ASP A 164 -11.90 7.62 17.49
C ASP A 164 -11.46 8.91 18.10
N GLU A 165 -12.00 10.02 17.57
CA GLU A 165 -11.62 11.34 18.03
C GLU A 165 -11.98 11.65 19.50
N LYS A 166 -12.84 10.82 20.10
CA LYS A 166 -13.24 10.91 21.48
C LYS A 166 -12.56 9.87 22.37
N GLY A 167 -11.70 9.02 21.82
CA GLY A 167 -11.10 7.98 22.63
C GLY A 167 -11.83 6.64 22.78
N GLN A 168 -12.94 6.46 22.08
CA GLN A 168 -13.65 5.18 22.12
CA GLN A 168 -13.74 5.24 22.07
C GLN A 168 -13.13 4.27 21.03
N PRO A 169 -13.30 2.97 21.18
CA PRO A 169 -12.71 2.07 20.20
C PRO A 169 -13.32 2.19 18.82
N LEU A 170 -12.49 1.93 17.82
CA LEU A 170 -12.89 1.72 16.40
C LEU A 170 -12.33 0.38 16.07
N THR A 171 -13.17 -0.56 15.69
CA THR A 171 -12.80 -1.93 15.35
C THR A 171 -13.26 -2.22 13.95
N TYR A 172 -12.30 -2.59 13.09
CA TYR A 172 -12.68 -2.97 11.73
C TYR A 172 -13.02 -4.45 11.69
N ASP A 173 -13.92 -4.78 10.77
CA ASP A 173 -14.28 -6.10 10.40
C ASP A 173 -13.43 -6.67 9.31
N LYS A 174 -12.99 -5.82 8.37
CA LYS A 174 -12.18 -6.18 7.21
C LYS A 174 -11.14 -5.08 7.04
N ILE A 175 -10.00 -5.46 6.51
CA ILE A 175 -8.96 -4.51 6.09
C ILE A 175 -8.46 -4.86 4.73
N TYR A 176 -8.22 -3.84 3.94
CA TYR A 176 -7.56 -3.95 2.63
C TYR A 176 -6.40 -2.97 2.55
N TYR A 177 -5.40 -3.33 1.77
CA TYR A 177 -4.26 -2.51 1.48
C TYR A 177 -4.20 -2.18 0.00
N VAL A 178 -4.44 -0.92 -0.34
CA VAL A 178 -4.29 -0.37 -1.68
C VAL A 178 -2.97 0.34 -1.79
N GLY A 179 -2.07 -0.22 -2.56
CA GLY A 179 -0.83 0.48 -2.95
C GLY A 179 -1.04 1.12 -4.28
N GLU A 180 -0.76 2.40 -4.36
CA GLU A 180 -0.88 3.19 -5.57
C GLU A 180 0.51 3.47 -6.12
N GLN A 181 0.69 3.12 -7.39
CA GLN A 181 2.00 3.23 -8.06
C GLN A 181 1.99 4.12 -9.25
N ASP A 182 2.81 5.16 -9.25
CA ASP A 182 3.12 5.98 -10.42
C ASP A 182 4.28 5.34 -11.17
N PHE A 183 4.06 5.02 -12.43
CA PHE A 183 5.07 4.51 -13.32
C PHE A 183 5.43 5.60 -14.36
N TYR A 184 6.65 5.55 -14.86
CA TYR A 184 7.20 6.53 -15.79
C TYR A 184 7.79 5.74 -16.96
N VAL A 185 6.94 5.16 -17.80
CA VAL A 185 7.43 4.29 -18.89
C VAL A 185 8.00 5.22 -19.95
N PRO A 186 9.26 5.08 -20.33
CA PRO A 186 9.83 6.02 -21.32
C PRO A 186 9.11 6.01 -22.66
N LYS A 187 8.97 7.20 -23.26
CA LYS A 187 8.21 7.40 -24.52
C LYS A 187 9.19 7.97 -25.53
N ASP A 188 9.05 7.56 -26.77
CA ASP A 188 9.71 8.19 -27.90
C ASP A 188 9.00 9.49 -28.23
N GLU A 189 9.51 10.20 -29.23
CA GLU A 189 8.97 11.53 -29.59
C GLU A 189 7.55 11.47 -30.14
N ALA A 190 7.16 10.33 -30.74
CA ALA A 190 5.79 10.10 -31.19
C ALA A 190 4.80 9.76 -30.07
N GLY A 191 5.31 9.50 -28.87
CA GLY A 191 4.47 9.15 -27.72
C GLY A 191 4.33 7.65 -27.41
N ASN A 192 5.03 6.76 -28.14
CA ASN A 192 4.92 5.33 -27.91
C ASN A 192 5.95 4.92 -26.89
N TYR A 193 5.62 3.90 -26.07
CA TYR A 193 6.56 3.39 -25.06
C TYR A 193 7.75 2.73 -25.74
N LYS A 194 8.91 2.96 -25.17
CA LYS A 194 10.12 2.18 -25.54
C LYS A 194 10.25 0.91 -24.56
N LYS A 195 10.82 -0.18 -25.03
CA LYS A 195 11.37 -1.24 -24.16
C LYS A 195 12.90 -1.30 -24.30
N TYR A 196 13.53 -2.01 -23.38
CA TYR A 196 14.98 -2.01 -23.27
C TYR A 196 15.49 -3.40 -23.05
N GLU A 197 16.75 -3.61 -23.39
CA GLU A 197 17.33 -4.94 -23.41
C GLU A 197 18.02 -5.32 -22.10
N THR A 198 18.56 -4.33 -21.40
CA THR A 198 19.09 -4.53 -20.06
C THR A 198 18.71 -3.35 -19.14
N PRO A 199 18.84 -3.53 -17.82
CA PRO A 199 18.56 -2.41 -16.90
C PRO A 199 19.49 -1.20 -17.14
N GLY A 200 20.76 -1.46 -17.44
CA GLY A 200 21.69 -0.40 -17.71
C GLY A 200 21.38 0.41 -18.92
N GLU A 201 20.97 -0.30 -20.00
CA GLU A 201 20.53 0.39 -21.24
C GLU A 201 19.24 1.21 -21.04
N ALA A 202 18.39 0.79 -20.12
CA ALA A 202 17.14 1.50 -19.73
C ALA A 202 17.36 2.66 -18.85
N TYR A 203 18.43 2.63 -18.04
CA TYR A 203 18.50 3.56 -16.92
C TYR A 203 18.41 5.00 -17.36
N GLU A 204 19.17 5.49 -18.35
CA GLU A 204 19.14 6.94 -18.70
C GLU A 204 17.77 7.31 -19.14
N ASP A 205 17.12 6.55 -19.99
N ASP A 205 17.17 6.37 -19.91
CA ASP A 205 15.80 6.98 -20.39
CA ASP A 205 15.79 6.45 -20.45
C ASP A 205 14.82 6.84 -19.20
C ASP A 205 14.77 6.61 -19.33
N ALA A 206 15.00 5.88 -18.26
CA ALA A 206 14.15 5.93 -17.04
C ALA A 206 14.34 7.26 -16.31
N VAL A 207 15.59 7.68 -16.16
CA VAL A 207 15.86 8.97 -15.53
C VAL A 207 15.23 10.11 -16.32
N LYS A 208 15.37 10.06 -17.63
CA LYS A 208 14.75 11.07 -18.48
C LYS A 208 13.21 11.08 -18.28
N ALA A 209 12.59 9.90 -18.28
CA ALA A 209 11.14 9.80 -18.11
C ALA A 209 10.72 10.33 -16.77
N MET A 210 11.43 9.96 -15.70
CA MET A 210 11.12 10.43 -14.38
C MET A 210 11.25 11.96 -14.33
N ARG A 211 12.25 12.55 -14.95
CA ARG A 211 12.50 13.99 -14.85
C ARG A 211 11.37 14.81 -15.49
N THR A 212 10.54 14.20 -16.34
CA THR A 212 9.35 14.93 -16.86
C THR A 212 8.32 15.16 -15.72
N LEU A 213 8.44 14.39 -14.64
CA LEU A 213 7.51 14.40 -13.49
C LEU A 213 6.11 13.97 -13.82
N THR A 214 5.85 13.47 -15.02
CA THR A 214 4.52 13.13 -15.47
C THR A 214 4.36 11.62 -15.57
N PRO A 215 3.57 10.99 -14.68
CA PRO A 215 3.43 9.54 -14.78
C PRO A 215 2.74 9.18 -16.07
N THR A 216 3.11 8.04 -16.64
CA THR A 216 2.41 7.42 -17.75
C THR A 216 1.25 6.56 -17.32
N HIS A 217 1.35 6.01 -16.10
CA HIS A 217 0.39 5.13 -15.51
C HIS A 217 0.35 5.42 -14.03
N ILE A 218 -0.82 5.31 -13.43
CA ILE A 218 -0.97 5.38 -11.95
C ILE A 218 -1.98 4.30 -11.64
N VAL A 219 -1.54 3.26 -10.94
CA VAL A 219 -2.37 2.05 -10.80
C VAL A 219 -2.47 1.62 -9.38
N PHE A 220 -3.50 0.87 -9.07
CA PHE A 220 -3.70 0.21 -7.78
C PHE A 220 -3.33 -1.28 -7.95
N ASN A 221 -2.60 -1.83 -6.98
CA ASN A 221 -2.28 -3.25 -6.99
C ASN A 221 -1.57 -3.66 -8.27
N GLY A 222 -0.79 -2.76 -8.87
CA GLY A 222 0.17 -3.14 -9.89
C GLY A 222 -0.28 -3.05 -11.34
N ALA A 223 -1.56 -2.82 -11.62
CA ALA A 223 -2.02 -2.80 -13.04
C ALA A 223 -3.37 -2.10 -13.13
N VAL A 224 -3.64 -1.54 -14.31
CA VAL A 224 -4.95 -1.05 -14.65
C VAL A 224 -5.95 -2.14 -14.37
N GLY A 225 -7.02 -1.87 -13.64
CA GLY A 225 -8.10 -2.85 -13.49
C GLY A 225 -7.81 -3.94 -12.48
N ALA A 226 -6.69 -3.92 -11.77
CA ALA A 226 -6.37 -5.03 -10.88
C ALA A 226 -7.35 -5.29 -9.79
N LEU A 227 -7.99 -4.23 -9.29
CA LEU A 227 -9.00 -4.33 -8.22
C LEU A 227 -10.41 -4.18 -8.74
N THR A 228 -10.67 -4.95 -9.82
CA THR A 228 -11.98 -5.00 -10.49
C THR A 228 -12.30 -6.39 -10.91
N GLY A 229 -13.56 -6.58 -11.32
CA GLY A 229 -14.01 -7.89 -11.77
C GLY A 229 -13.95 -8.92 -10.72
N ASP A 230 -13.34 -10.05 -11.04
CA ASP A 230 -13.17 -11.15 -10.09
C ASP A 230 -12.27 -10.77 -8.92
N HIS A 231 -11.54 -9.66 -9.07
CA HIS A 231 -10.70 -9.12 -7.97
C HIS A 231 -11.17 -7.81 -7.35
N ALA A 232 -12.43 -7.46 -7.57
CA ALA A 232 -13.02 -6.35 -6.83
C ALA A 232 -12.93 -6.61 -5.33
N LEU A 233 -12.73 -5.56 -4.54
CA LEU A 233 -12.88 -5.62 -3.09
C LEU A 233 -14.32 -5.91 -2.74
N THR A 234 -14.56 -6.51 -1.59
CA THR A 234 -15.93 -6.83 -1.21
C THR A 234 -16.22 -6.40 0.22
N ALA A 235 -17.51 -6.18 0.49
CA ALA A 235 -18.02 -5.90 1.81
C ALA A 235 -19.49 -6.16 1.82
N ALA A 236 -20.04 -6.12 3.01
CA ALA A 236 -21.48 -6.23 3.25
C ALA A 236 -21.96 -4.97 3.93
N VAL A 237 -23.22 -4.64 3.70
CA VAL A 237 -23.83 -3.54 4.45
C VAL A 237 -23.68 -3.79 5.96
N GLY A 238 -23.25 -2.73 6.67
CA GLY A 238 -23.01 -2.76 8.06
C GLY A 238 -21.61 -3.18 8.46
N GLU A 239 -20.79 -3.63 7.54
CA GLU A 239 -19.38 -3.96 7.88
CA GLU A 239 -19.42 -3.99 7.81
C GLU A 239 -18.54 -2.74 7.96
N ARG A 240 -17.59 -2.78 8.91
CA ARG A 240 -16.61 -1.73 9.18
C ARG A 240 -15.34 -2.14 8.43
N VAL A 241 -14.88 -1.28 7.53
CA VAL A 241 -13.74 -1.61 6.67
C VAL A 241 -12.67 -0.53 6.83
N LEU A 242 -11.44 -0.99 7.03
CA LEU A 242 -10.28 -0.09 6.99
C LEU A 242 -9.56 -0.27 5.67
N VAL A 243 -9.35 0.81 4.96
CA VAL A 243 -8.56 0.81 3.73
C VAL A 243 -7.27 1.56 4.01
N VAL A 244 -6.16 0.85 4.01
CA VAL A 244 -4.81 1.44 4.12
C VAL A 244 -4.42 1.76 2.67
N HIS A 245 -3.88 2.95 2.46
CA HIS A 245 -3.55 3.39 1.10
C HIS A 245 -2.17 4.03 1.18
N SER A 246 -1.25 3.58 0.33
CA SER A 246 0.10 4.17 0.32
C SER A 246 0.44 4.73 -1.04
N GLN A 247 1.35 5.70 -1.03
CA GLN A 247 1.91 6.27 -2.25
C GLN A 247 3.30 6.71 -1.88
N ALA A 248 4.34 5.99 -2.37
CA ALA A 248 5.71 6.23 -1.95
C ALA A 248 6.36 7.44 -2.62
N ASN A 249 5.76 8.00 -3.65
CA ASN A 249 6.45 9.01 -4.48
C ASN A 249 5.66 10.21 -4.91
N ARG A 250 4.31 10.14 -4.93
CA ARG A 250 3.49 11.30 -5.32
CA ARG A 250 3.45 11.24 -5.36
C ARG A 250 2.24 11.34 -4.47
N ASP A 251 1.74 12.56 -4.34
CA ASP A 251 0.48 12.77 -3.58
C ASP A 251 -0.66 11.98 -4.26
N THR A 252 -1.61 11.59 -3.46
CA THR A 252 -2.85 11.05 -3.97
C THR A 252 -4.01 11.60 -3.12
N ARG A 253 -5.21 11.45 -3.65
CA ARG A 253 -6.44 12.05 -3.06
C ARG A 253 -7.52 11.03 -3.14
N PRO A 254 -7.52 10.04 -2.25
CA PRO A 254 -8.49 8.94 -2.33
C PRO A 254 -9.93 9.38 -2.05
N HIS A 255 -10.84 8.66 -2.67
CA HIS A 255 -12.29 8.92 -2.61
C HIS A 255 -13.00 7.65 -2.86
N LEU A 256 -13.97 7.33 -2.02
CA LEU A 256 -14.89 6.18 -2.19
C LEU A 256 -16.15 6.70 -2.85
N ILE A 257 -16.37 6.37 -4.13
CA ILE A 257 -17.50 6.92 -4.89
C ILE A 257 -18.80 6.25 -4.39
N GLY A 258 -19.68 7.07 -3.82
CA GLY A 258 -20.89 6.58 -3.13
C GLY A 258 -20.74 6.45 -1.65
N GLY A 259 -19.53 6.66 -1.10
CA GLY A 259 -19.32 6.59 0.34
C GLY A 259 -18.47 7.76 0.80
N HIS A 260 -17.78 7.55 1.93
CA HIS A 260 -17.00 8.54 2.65
C HIS A 260 -15.87 7.84 3.35
N GLY A 261 -14.94 8.60 3.89
CA GLY A 261 -14.07 8.13 4.98
C GLY A 261 -14.68 8.61 6.25
N ASP A 262 -15.34 7.70 7.01
CA ASP A 262 -15.97 8.12 8.28
C ASP A 262 -14.94 8.63 9.28
N TYR A 263 -13.78 7.97 9.36
CA TYR A 263 -12.67 8.36 10.19
C TYR A 263 -11.43 8.18 9.32
N VAL A 264 -10.65 9.23 9.12
CA VAL A 264 -9.52 9.15 8.25
C VAL A 264 -8.28 9.70 8.95
N TRP A 265 -7.20 8.94 8.93
CA TRP A 265 -5.86 9.39 9.30
C TRP A 265 -5.19 9.63 7.99
N ALA A 266 -5.32 10.81 7.42
CA ALA A 266 -4.85 11.06 6.06
C ALA A 266 -3.33 10.89 5.92
N THR A 267 -2.59 11.31 6.94
CA THR A 267 -1.16 11.14 6.99
C THR A 267 -0.75 9.97 7.90
N GLY A 268 -1.74 9.16 8.31
CA GLY A 268 -1.53 7.76 8.74
C GLY A 268 -1.11 7.50 10.16
N LYS A 269 -1.12 8.45 11.09
CA LYS A 269 -0.49 8.25 12.40
C LYS A 269 -1.48 8.28 13.53
N PHE A 270 -1.66 7.14 14.21
CA PHE A 270 -2.82 6.85 15.02
C PHE A 270 -2.84 7.60 16.36
N ARG A 271 -1.75 8.23 16.80
CA ARG A 271 -1.78 9.07 18.01
CA ARG A 271 -1.84 9.02 18.01
C ARG A 271 -2.63 10.30 17.77
N ASN A 272 -2.89 10.67 16.51
CA ASN A 272 -3.69 11.82 16.19
C ASN A 272 -5.13 11.45 16.06
N PRO A 273 -6.04 12.35 16.42
CA PRO A 273 -7.47 12.07 16.18
C PRO A 273 -7.68 12.01 14.66
N PRO A 274 -8.55 11.13 14.21
CA PRO A 274 -8.90 11.10 12.78
C PRO A 274 -9.75 12.29 12.38
N ASP A 275 -9.69 12.63 11.12
CA ASP A 275 -10.65 13.51 10.47
C ASP A 275 -11.95 12.79 10.16
N LEU A 276 -13.05 13.41 10.47
CA LEU A 276 -14.36 12.77 10.31
C LEU A 276 -15.02 13.18 9.00
N ASP A 277 -15.78 12.24 8.45
CA ASP A 277 -16.75 12.50 7.39
C ASP A 277 -16.13 12.96 6.07
N GLN A 278 -14.88 12.55 5.83
CA GLN A 278 -14.21 13.04 4.65
C GLN A 278 -14.85 12.56 3.36
N GLU A 279 -14.94 13.45 2.38
CA GLU A 279 -15.27 13.04 1.01
C GLU A 279 -13.99 12.48 0.33
N THR A 280 -12.90 13.24 0.47
CA THR A 280 -11.63 13.02 -0.18
C THR A 280 -10.59 13.53 0.80
N TRP A 281 -9.39 12.95 0.73
CA TRP A 281 -8.29 13.32 1.62
C TRP A 281 -6.97 13.30 0.89
N LEU A 282 -5.96 13.96 1.43
CA LEU A 282 -4.67 14.08 0.73
C LEU A 282 -3.64 13.20 1.47
N ILE A 283 -3.17 12.14 0.83
CA ILE A 283 -2.07 11.33 1.26
C ILE A 283 -0.83 11.83 0.56
N PRO A 284 0.10 12.47 1.24
CA PRO A 284 1.28 13.02 0.51
C PRO A 284 2.16 11.89 -0.03
N GLY A 285 2.82 12.13 -1.15
CA GLY A 285 3.85 11.20 -1.59
C GLY A 285 4.85 10.96 -0.52
N GLY A 286 5.19 9.67 -0.31
CA GLY A 286 6.00 9.24 0.83
C GLY A 286 5.26 8.91 2.09
N THR A 287 3.96 8.63 1.99
CA THR A 287 3.15 8.40 3.17
C THR A 287 2.15 7.25 2.92
N ALA A 288 1.73 6.64 4.03
CA ALA A 288 0.53 5.79 4.05
C ALA A 288 -0.50 6.50 4.90
N GLY A 289 -1.77 6.39 4.44
CA GLY A 289 -2.91 6.86 5.16
C GLY A 289 -3.88 5.71 5.38
N ALA A 290 -4.87 5.94 6.23
CA ALA A 290 -5.89 4.91 6.49
C ALA A 290 -7.24 5.53 6.69
N ALA A 291 -8.26 4.91 6.13
CA ALA A 291 -9.66 5.38 6.19
C ALA A 291 -10.54 4.26 6.65
N PHE A 292 -11.40 4.56 7.60
CA PHE A 292 -12.37 3.63 8.17
C PHE A 292 -13.79 4.03 7.71
N TYR A 293 -14.55 3.08 7.20
CA TYR A 293 -15.90 3.34 6.72
C TYR A 293 -16.81 2.20 7.09
N THR A 294 -18.02 2.49 7.50
CA THR A 294 -19.05 1.49 7.69
C THR A 294 -20.01 1.58 6.51
N PHE A 295 -20.09 0.50 5.73
CA PHE A 295 -20.97 0.52 4.58
C PHE A 295 -22.42 0.58 4.97
N ARG A 296 -23.20 1.37 4.26
CA ARG A 296 -24.64 1.60 4.49
C ARG A 296 -25.55 1.25 3.35
N GLN A 297 -24.97 1.03 2.18
CA GLN A 297 -25.69 0.71 0.94
C GLN A 297 -25.00 -0.38 0.17
N PRO A 298 -25.75 -1.27 -0.44
CA PRO A 298 -25.16 -2.29 -1.32
C PRO A 298 -24.88 -1.75 -2.71
N GLY A 299 -24.25 -2.54 -3.54
CA GLY A 299 -23.99 -2.23 -4.92
C GLY A 299 -22.51 -2.05 -5.19
N VAL A 300 -22.25 -1.53 -6.36
CA VAL A 300 -20.90 -1.25 -6.79
C VAL A 300 -20.46 0.14 -6.36
N TYR A 301 -19.27 0.20 -5.85
CA TYR A 301 -18.57 1.45 -5.54
C TYR A 301 -17.31 1.49 -6.35
N ALA A 302 -16.84 2.66 -6.71
CA ALA A 302 -15.48 2.79 -7.20
C ALA A 302 -14.71 3.45 -6.07
N TYR A 303 -13.43 3.19 -6.03
CA TYR A 303 -12.46 3.75 -5.07
C TYR A 303 -11.36 4.30 -5.95
N VAL A 304 -11.13 5.60 -5.90
CA VAL A 304 -10.30 6.28 -6.88
C VAL A 304 -9.34 7.26 -6.25
N ASN A 305 -8.26 7.58 -6.97
CA ASN A 305 -7.57 8.89 -6.85
C ASN A 305 -8.46 9.93 -7.55
N HIS A 306 -8.89 10.96 -6.82
CA HIS A 306 -9.85 11.91 -7.35
C HIS A 306 -9.21 13.05 -8.16
N ASN A 307 -7.99 12.85 -8.70
CA ASN A 307 -7.74 13.44 -10.04
C ASN A 307 -8.34 12.43 -10.96
N LEU A 308 -9.50 12.70 -11.45
CA LEU A 308 -10.28 11.75 -12.25
C LEU A 308 -9.61 11.39 -13.54
N ILE A 309 -8.70 12.23 -14.05
CA ILE A 309 -7.90 11.82 -15.19
C ILE A 309 -6.97 10.67 -14.76
N GLU A 310 -6.32 10.86 -13.61
CA GLU A 310 -5.51 9.81 -13.06
C GLU A 310 -6.27 8.54 -12.79
N ALA A 311 -7.47 8.68 -12.28
CA ALA A 311 -8.34 7.51 -12.05
C ALA A 311 -8.72 6.78 -13.28
N PHE A 312 -9.36 7.51 -14.19
CA PHE A 312 -10.09 6.83 -15.29
C PHE A 312 -9.32 6.80 -16.58
N GLU A 313 -8.28 7.60 -16.76
CA GLU A 313 -7.45 7.47 -17.93
CA GLU A 313 -7.43 7.49 -17.93
C GLU A 313 -6.12 6.81 -17.64
N LEU A 314 -5.53 7.00 -16.45
CA LEU A 314 -4.22 6.46 -16.14
C LEU A 314 -4.19 5.22 -15.24
N GLY A 315 -5.32 4.83 -14.66
CA GLY A 315 -5.43 3.57 -13.98
C GLY A 315 -5.80 3.57 -12.49
N ALA A 316 -5.96 4.72 -11.85
CA ALA A 316 -6.02 4.78 -10.36
C ALA A 316 -7.46 4.60 -9.87
N ALA A 317 -8.06 3.48 -10.18
CA ALA A 317 -9.45 3.16 -9.87
C ALA A 317 -9.59 1.68 -9.59
N GLY A 318 -10.27 1.35 -8.51
CA GLY A 318 -10.72 -0.01 -8.17
C GLY A 318 -12.18 0.00 -7.81
N HIS A 319 -12.73 -1.17 -7.52
CA HIS A 319 -14.15 -1.32 -7.21
C HIS A 319 -14.32 -2.07 -5.92
N PHE A 320 -15.41 -1.75 -5.20
CA PHE A 320 -16.02 -2.64 -4.19
C PHE A 320 -17.32 -3.15 -4.78
N LYS A 321 -17.62 -4.38 -4.43
CA LYS A 321 -18.95 -5.02 -4.63
C LYS A 321 -19.51 -5.25 -3.23
N VAL A 322 -20.62 -4.61 -2.89
CA VAL A 322 -21.16 -4.65 -1.55
C VAL A 322 -22.51 -5.36 -1.57
N THR A 323 -22.70 -6.32 -0.69
CA THR A 323 -23.89 -7.12 -0.56
C THR A 323 -24.79 -6.58 0.52
N GLY A 324 -26.10 -6.69 0.33
CA GLY A 324 -27.06 -6.39 1.35
C GLY A 324 -28.26 -5.64 0.84
N GLU A 325 -29.03 -5.07 1.76
CA GLU A 325 -30.31 -4.44 1.36
CA GLU A 325 -30.34 -4.42 1.49
CA GLU A 325 -30.33 -4.43 1.46
C GLU A 325 -30.17 -2.96 1.18
N TRP A 326 -30.89 -2.46 0.21
CA TRP A 326 -30.91 -1.05 -0.19
C TRP A 326 -31.77 -0.25 0.79
N ASN A 327 -31.26 0.93 1.19
CA ASN A 327 -31.95 1.84 2.11
C ASN A 327 -32.49 3.02 1.31
N ASP A 328 -33.81 3.00 1.10
CA ASP A 328 -34.44 4.08 0.33
C ASP A 328 -34.58 5.36 1.12
N ASP A 329 -34.46 5.32 2.42
CA ASP A 329 -34.42 6.54 3.21
C ASP A 329 -33.13 7.33 2.91
N LEU A 330 -32.00 6.62 2.80
CA LEU A 330 -30.70 7.30 2.52
CA LEU A 330 -30.76 7.26 2.57
C LEU A 330 -30.63 7.78 1.10
N MET A 331 -31.19 7.04 0.16
CA MET A 331 -31.17 7.45 -1.26
C MET A 331 -32.25 6.73 -2.01
N THR A 332 -32.97 7.43 -2.86
CA THR A 332 -33.88 6.75 -3.78
C THR A 332 -34.06 7.57 -5.04
N SER A 333 -34.39 6.88 -6.10
CA SER A 333 -34.87 7.52 -7.34
C SER A 333 -36.34 7.77 -7.17
N VAL A 334 -36.71 9.02 -7.05
CA VAL A 334 -38.12 9.42 -6.95
C VAL A 334 -38.83 9.26 -8.31
N VAL A 335 -38.22 9.76 -9.38
CA VAL A 335 -38.69 9.61 -10.77
C VAL A 335 -37.53 9.15 -11.58
N LYS A 336 -37.62 7.95 -12.10
CA LYS A 336 -36.52 7.42 -12.87
C LYS A 336 -36.39 8.22 -14.17
N PRO A 337 -35.19 8.26 -14.73
CA PRO A 337 -35.02 8.96 -16.01
C PRO A 337 -36.07 8.64 -17.08
N ALA A 338 -36.69 9.67 -17.64
CA ALA A 338 -37.75 9.50 -18.60
C ALA A 338 -37.90 10.75 -19.41
N SER A 339 -38.52 10.60 -20.58
CA SER A 339 -38.75 11.70 -21.55
C SER A 339 -39.47 12.94 -20.98
N MET A 340 -38.70 14.06 -20.87
CA MET A 340 -39.06 15.52 -20.73
C MET A 340 -38.59 16.28 -19.40
CU CU B . 15.45 -2.18 -5.24
CU CU C . 11.13 7.14 1.97
N HOA D . 13.03 8.18 1.57
O HOA D . 12.98 7.80 2.93
C1 MLI E . 3.12 16.89 -7.21
C2 MLI E . 4.51 16.63 -7.20
C3 MLI E . 2.25 15.83 -6.60
O6 MLI E . 5.26 17.50 -7.72
O7 MLI E . 5.00 15.58 -6.70
O8 MLI E . 2.78 14.75 -6.12
O9 MLI E . 1.00 15.93 -6.59
C ACT F . -16.61 -5.22 -10.75
O ACT F . -15.45 -4.75 -10.73
OXT ACT F . -16.89 -6.14 -11.60
CH3 ACT F . -17.57 -4.67 -9.73
P PO4 G . 6.64 -15.24 3.66
O1 PO4 G . 7.32 -14.18 2.57
O2 PO4 G . 5.80 -14.58 4.64
O3 PO4 G . 5.87 -16.22 2.81
O4 PO4 G . 7.78 -15.99 4.37
C ACT H . -11.87 18.62 7.93
O ACT H . -10.83 18.18 8.75
OXT ACT H . -12.69 18.19 7.03
CH3 ACT H . -12.12 20.02 8.08
C ACT I . -13.13 4.58 3.35
O ACT I . -13.10 5.03 4.48
OXT ACT I . -13.94 4.95 2.47
CH3 ACT I . -12.08 3.57 3.01
C ACT J . -9.18 -8.80 12.40
O ACT J . -9.89 -9.60 11.67
OXT ACT J . -8.05 -8.24 12.21
CH3 ACT J . -9.73 -8.42 13.68
#